data_6I8X
#
_entry.id   6I8X
#
_cell.length_a   102.254
_cell.length_b   102.254
_cell.length_c   103.392
_cell.angle_alpha   90.00
_cell.angle_beta   90.00
_cell.angle_gamma   90.00
#
_symmetry.space_group_name_H-M   'I 4'
#
loop_
_entity.id
_entity.type
_entity.pdbx_description
1 polymer 'Fatty acid-binding protein homolog'
2 non-polymer 'VACCENIC ACID'
3 non-polymer 1,2-ETHANEDIOL
4 non-polymer TRIS(HYDROXYETHYL)AMINOMETHANE
5 water water
#
_entity_poly.entity_id   1
_entity_poly.type   'polypeptide(L)'
_entity_poly.pdbx_seq_one_letter_code
;HHHHGSKTLPDKFLGTFKLERDENFDEYLKARGYGWIMRQVIKLAGVTKKFRNAASGKPDRYDMENLTTKKDTHHKDWAL
GEEFQDEALDSTQHKITFDLKDPNTLTETHIKVDDPTDVETYEYRRDGDYLVMKMSWKGVSTSRYYKKQ
;
_entity_poly.pdbx_strand_id   A,B
#
loop_
_chem_comp.id
_chem_comp.type
_chem_comp.name
_chem_comp.formula
EDO non-polymer 1,2-ETHANEDIOL 'C2 H6 O2'
TAM non-polymer TRIS(HYDROXYETHYL)AMINOMETHANE 'C7 H17 N O3'
VCA non-polymer 'VACCENIC ACID' 'C18 H34 O2'
#
# COMPACT_ATOMS: atom_id res chain seq x y z
N HIS A 1 -5.47 -29.68 2.57
CA HIS A 1 -5.93 -29.79 1.18
C HIS A 1 -7.14 -28.90 0.90
N HIS A 2 -7.15 -28.33 -0.31
CA HIS A 2 -8.13 -27.34 -0.77
C HIS A 2 -9.41 -27.90 -1.49
N HIS A 3 -9.58 -29.24 -1.61
CA HIS A 3 -10.75 -29.86 -2.29
C HIS A 3 -11.66 -30.69 -1.32
N HIS A 4 -11.91 -30.13 -0.12
CA HIS A 4 -12.65 -30.80 0.95
C HIS A 4 -13.65 -29.89 1.70
N GLY A 5 -14.32 -28.97 0.99
CA GLY A 5 -15.34 -28.16 1.63
C GLY A 5 -15.18 -26.66 1.53
N SER A 6 -13.95 -26.20 1.53
CA SER A 6 -13.68 -24.77 1.40
C SER A 6 -13.46 -24.43 -0.09
N LYS A 7 -13.84 -23.19 -0.48
CA LYS A 7 -13.70 -22.69 -1.85
C LYS A 7 -12.27 -22.19 -2.12
N THR A 8 -11.76 -22.40 -3.34
CA THR A 8 -10.41 -21.92 -3.73
C THR A 8 -10.57 -20.64 -4.54
N LEU A 9 -9.80 -19.61 -4.20
CA LEU A 9 -9.83 -18.35 -4.95
C LEU A 9 -9.10 -18.62 -6.27
N PRO A 10 -9.78 -18.46 -7.43
CA PRO A 10 -9.07 -18.63 -8.71
C PRO A 10 -7.84 -17.70 -8.80
N ASP A 11 -6.74 -18.17 -9.42
CA ASP A 11 -5.46 -17.44 -9.61
C ASP A 11 -5.63 -16.09 -10.28
N LYS A 12 -6.70 -15.96 -11.09
CA LYS A 12 -7.24 -14.79 -11.79
C LYS A 12 -7.27 -13.58 -10.83
N PHE A 13 -7.66 -13.82 -9.57
CA PHE A 13 -7.85 -12.80 -8.55
C PHE A 13 -6.65 -12.57 -7.65
N LEU A 14 -5.59 -13.35 -7.81
CA LEU A 14 -4.38 -13.19 -7.02
C LEU A 14 -3.44 -12.17 -7.63
N GLY A 15 -2.81 -11.38 -6.76
CA GLY A 15 -1.84 -10.39 -7.18
C GLY A 15 -2.11 -8.98 -6.72
N THR A 16 -1.44 -8.05 -7.37
CA THR A 16 -1.48 -6.60 -7.16
C THR A 16 -2.20 -5.95 -8.34
N PHE A 17 -3.14 -5.06 -8.03
CA PHE A 17 -3.95 -4.37 -9.03
C PHE A 17 -4.02 -2.88 -8.70
N LYS A 18 -3.61 -2.06 -9.64
CA LYS A 18 -3.59 -0.60 -9.44
C LYS A 18 -4.76 0.09 -10.16
N LEU A 19 -5.54 0.90 -9.42
CA LEU A 19 -6.63 1.71 -9.97
C LEU A 19 -6.10 2.67 -11.08
N GLU A 20 -6.68 2.52 -12.29
CA GLU A 20 -6.32 3.26 -13.49
C GLU A 20 -7.40 4.24 -13.95
N ARG A 21 -8.67 3.81 -13.91
CA ARG A 21 -9.83 4.57 -14.38
C ARG A 21 -11.11 3.95 -13.86
N ASP A 22 -12.20 4.68 -13.97
CA ASP A 22 -13.52 4.24 -13.56
C ASP A 22 -14.57 4.90 -14.45
N GLU A 23 -15.82 4.52 -14.29
CA GLU A 23 -16.96 5.01 -15.07
C GLU A 23 -18.07 5.28 -14.10
N ASN A 24 -18.68 6.48 -14.14
CA ASN A 24 -19.83 6.86 -13.32
C ASN A 24 -19.60 6.77 -11.79
N PHE A 25 -18.34 6.90 -11.33
CA PHE A 25 -18.08 6.82 -9.87
C PHE A 25 -18.69 7.98 -9.10
N ASP A 26 -18.73 9.18 -9.68
CA ASP A 26 -19.30 10.37 -9.04
C ASP A 26 -20.80 10.24 -8.74
N GLU A 27 -21.61 9.84 -9.70
CA GLU A 27 -23.05 9.70 -9.47
C GLU A 27 -23.33 8.60 -8.43
N TYR A 28 -22.50 7.55 -8.42
CA TYR A 28 -22.59 6.46 -7.46
C TYR A 28 -22.35 6.99 -6.05
N LEU A 29 -21.27 7.78 -5.86
CA LEU A 29 -20.92 8.37 -4.57
C LEU A 29 -22.00 9.33 -4.09
N LYS A 30 -22.64 10.01 -5.04
CA LYS A 30 -23.76 10.92 -4.80
C LYS A 30 -24.98 10.12 -4.29
N ALA A 31 -25.31 8.97 -4.95
CA ALA A 31 -26.43 8.11 -4.56
C ALA A 31 -26.23 7.55 -3.14
N ARG A 32 -24.97 7.33 -2.78
CA ARG A 32 -24.50 6.85 -1.48
C ARG A 32 -24.51 7.96 -0.40
N GLY A 33 -24.73 9.22 -0.80
CA GLY A 33 -24.84 10.33 0.13
C GLY A 33 -23.64 11.23 0.34
N TYR A 34 -22.58 11.06 -0.46
CA TYR A 34 -21.41 11.93 -0.36
C TYR A 34 -21.59 13.29 -1.04
N GLY A 35 -21.30 14.34 -0.27
CA GLY A 35 -21.27 15.73 -0.74
C GLY A 35 -20.06 15.94 -1.65
N TRP A 36 -20.01 17.11 -2.30
CA TRP A 36 -19.00 17.41 -3.32
C TRP A 36 -17.52 17.23 -2.86
N ILE A 37 -17.15 17.79 -1.71
CA ILE A 37 -15.80 17.76 -1.14
C ILE A 37 -15.31 16.33 -0.93
N MET A 38 -16.13 15.51 -0.24
CA MET A 38 -15.85 14.11 0.04
C MET A 38 -15.74 13.29 -1.22
N ARG A 39 -16.60 13.54 -2.21
CA ARG A 39 -16.55 12.84 -3.49
C ARG A 39 -15.24 13.08 -4.22
N GLN A 40 -14.75 14.32 -4.24
CA GLN A 40 -13.50 14.63 -4.95
C GLN A 40 -12.34 13.86 -4.39
N VAL A 41 -12.22 13.79 -3.04
CA VAL A 41 -11.08 13.14 -2.37
C VAL A 41 -11.21 11.64 -2.47
N ILE A 42 -12.45 11.12 -2.42
CA ILE A 42 -12.68 9.68 -2.59
C ILE A 42 -12.36 9.21 -4.02
N LYS A 43 -12.84 9.96 -5.03
CA LYS A 43 -12.72 9.54 -6.43
C LYS A 43 -11.35 9.81 -7.06
N LEU A 44 -10.56 10.72 -6.52
CA LEU A 44 -9.29 10.97 -7.16
C LEU A 44 -8.12 10.41 -6.34
N ALA A 45 -8.42 9.59 -5.32
CA ALA A 45 -7.36 8.94 -4.56
C ALA A 45 -6.82 7.68 -5.26
N GLY A 46 -5.51 7.49 -5.14
CA GLY A 46 -4.80 6.32 -5.67
C GLY A 46 -5.17 5.11 -4.85
N VAL A 47 -5.45 3.98 -5.52
CA VAL A 47 -5.82 2.71 -4.88
C VAL A 47 -5.01 1.55 -5.49
N THR A 48 -4.46 0.73 -4.62
CA THR A 48 -3.74 -0.48 -4.97
C THR A 48 -4.38 -1.60 -4.16
N LYS A 49 -4.87 -2.63 -4.85
CA LYS A 49 -5.49 -3.80 -4.20
C LYS A 49 -4.53 -4.95 -4.27
N LYS A 50 -4.43 -5.71 -3.20
CA LYS A 50 -3.54 -6.88 -3.15
C LYS A 50 -4.31 -8.03 -2.61
N PHE A 51 -4.27 -9.14 -3.32
CA PHE A 51 -4.88 -10.41 -2.93
C PHE A 51 -3.78 -11.45 -2.97
N ARG A 52 -3.62 -12.19 -1.88
CA ARG A 52 -2.63 -13.27 -1.83
C ARG A 52 -3.12 -14.44 -0.99
N ASN A 53 -2.43 -15.61 -1.11
CA ASN A 53 -2.65 -16.78 -0.26
C ASN A 53 -2.16 -16.29 1.11
N ALA A 54 -2.84 -16.66 2.20
CA ALA A 54 -2.47 -16.19 3.55
C ALA A 54 -1.00 -16.40 3.89
N ALA A 55 -0.31 -15.34 4.34
CA ALA A 55 1.10 -15.36 4.74
C ALA A 55 1.35 -16.40 5.85
N SER A 56 0.31 -16.76 6.61
CA SER A 56 0.35 -17.77 7.68
C SER A 56 0.50 -19.22 7.14
N GLY A 57 0.26 -19.41 5.84
CA GLY A 57 0.39 -20.70 5.18
C GLY A 57 -0.81 -21.62 5.27
N LYS A 58 -1.91 -21.13 5.89
CA LYS A 58 -3.14 -21.93 6.02
C LYS A 58 -3.80 -22.10 4.64
N PRO A 59 -3.99 -23.35 4.15
CA PRO A 59 -4.63 -23.54 2.82
C PRO A 59 -6.06 -22.98 2.75
N ASP A 60 -6.43 -22.42 1.56
CA ASP A 60 -7.75 -21.80 1.26
C ASP A 60 -8.07 -20.60 2.19
N ARG A 61 -7.01 -20.03 2.78
CA ARG A 61 -7.08 -18.79 3.54
C ARG A 61 -6.29 -17.73 2.79
N TYR A 62 -6.81 -16.49 2.82
CA TYR A 62 -6.26 -15.38 2.04
C TYR A 62 -6.03 -14.11 2.83
N ASP A 63 -5.24 -13.23 2.24
CA ASP A 63 -5.00 -11.88 2.73
C ASP A 63 -5.38 -10.91 1.63
N MET A 64 -5.95 -9.80 2.01
CA MET A 64 -6.24 -8.74 1.05
C MET A 64 -5.95 -7.39 1.69
N GLU A 65 -5.41 -6.49 0.91
CA GLU A 65 -5.08 -5.14 1.32
C GLU A 65 -5.68 -4.15 0.37
N ASN A 66 -6.15 -3.05 0.90
CA ASN A 66 -6.58 -1.89 0.15
C ASN A 66 -5.62 -0.81 0.58
N LEU A 67 -4.70 -0.43 -0.31
CA LEU A 67 -3.69 0.61 -0.06
C LEU A 67 -4.12 1.86 -0.81
N THR A 68 -4.45 2.93 -0.08
CA THR A 68 -4.89 4.19 -0.72
C THR A 68 -3.96 5.33 -0.29
N THR A 69 -4.17 6.51 -0.85
CA THR A 69 -3.44 7.76 -0.54
C THR A 69 -3.45 8.03 0.96
N LYS A 70 -4.59 7.76 1.63
CA LYS A 70 -4.65 7.99 3.07
C LYS A 70 -4.83 6.69 3.87
N LYS A 71 -6.06 6.26 4.12
CA LYS A 71 -6.38 5.06 4.86
C LYS A 71 -6.00 3.78 4.12
N ASP A 72 -5.44 2.81 4.85
CA ASP A 72 -5.14 1.47 4.34
C ASP A 72 -5.89 0.45 5.18
N THR A 73 -6.35 -0.66 4.57
CA THR A 73 -7.00 -1.79 5.25
C THR A 73 -6.17 -3.03 5.01
N HIS A 74 -6.16 -3.96 5.98
CA HIS A 74 -5.39 -5.19 5.93
C HIS A 74 -6.20 -6.30 6.57
N HIS A 75 -6.82 -7.13 5.72
CA HIS A 75 -7.66 -8.27 6.13
C HIS A 75 -6.86 -9.55 5.99
N LYS A 76 -6.47 -10.15 7.13
CA LYS A 76 -5.62 -11.34 7.19
C LYS A 76 -6.32 -12.62 7.57
N ASP A 77 -5.95 -13.71 6.89
CA ASP A 77 -6.41 -15.08 7.10
C ASP A 77 -7.90 -15.29 6.94
N TRP A 78 -8.50 -14.72 5.91
CA TRP A 78 -9.93 -14.94 5.68
C TRP A 78 -10.19 -16.13 4.70
N ALA A 79 -11.39 -16.68 4.77
CA ALA A 79 -11.80 -17.77 3.91
C ALA A 79 -13.04 -17.34 3.12
N LEU A 80 -13.21 -17.88 1.91
CA LEU A 80 -14.40 -17.59 1.09
C LEU A 80 -15.66 -18.18 1.78
N GLY A 81 -16.69 -17.33 1.93
CA GLY A 81 -17.96 -17.66 2.59
C GLY A 81 -17.92 -17.53 4.10
N GLU A 82 -16.78 -17.11 4.69
CA GLU A 82 -16.67 -16.97 6.14
C GLU A 82 -16.57 -15.49 6.57
N GLU A 83 -17.61 -15.01 7.24
CA GLU A 83 -17.72 -13.63 7.74
C GLU A 83 -16.69 -13.37 8.85
N PHE A 84 -16.09 -12.17 8.82
CA PHE A 84 -15.14 -11.68 9.82
C PHE A 84 -15.46 -10.21 10.11
N GLN A 85 -14.96 -9.70 11.23
CA GLN A 85 -15.13 -8.30 11.58
C GLN A 85 -13.76 -7.60 11.54
N ASP A 86 -13.70 -6.42 10.90
CA ASP A 86 -12.48 -5.63 10.79
C ASP A 86 -12.75 -4.17 10.46
N GLU A 87 -11.70 -3.33 10.56
CA GLU A 87 -11.79 -1.93 10.23
C GLU A 87 -11.80 -1.79 8.71
N ALA A 88 -12.73 -0.95 8.21
CA ALA A 88 -12.86 -0.67 6.79
C ALA A 88 -12.25 0.71 6.50
N LEU A 89 -12.26 1.12 5.21
CA LEU A 89 -11.66 2.37 4.70
C LEU A 89 -12.28 3.66 5.27
N ASP A 90 -13.49 3.56 5.83
CA ASP A 90 -14.18 4.68 6.46
C ASP A 90 -13.77 4.82 7.94
N SER A 91 -12.80 4.00 8.39
CA SER A 91 -12.23 3.93 9.76
C SER A 91 -13.21 3.41 10.81
N THR A 92 -14.21 2.65 10.37
CA THR A 92 -15.18 2.03 11.25
C THR A 92 -15.11 0.50 11.11
N GLN A 93 -15.73 -0.22 12.04
CA GLN A 93 -15.81 -1.68 12.05
C GLN A 93 -16.93 -2.13 11.13
N HIS A 94 -16.66 -3.14 10.30
CA HIS A 94 -17.63 -3.71 9.37
C HIS A 94 -17.54 -5.20 9.50
N LYS A 95 -18.63 -5.89 9.17
CA LYS A 95 -18.68 -7.33 9.02
C LYS A 95 -18.46 -7.56 7.52
N ILE A 96 -17.38 -8.28 7.17
CA ILE A 96 -17.01 -8.53 5.78
C ILE A 96 -17.05 -10.02 5.45
N THR A 97 -17.50 -10.34 4.23
CA THR A 97 -17.46 -11.67 3.70
C THR A 97 -17.04 -11.62 2.26
N PHE A 98 -15.95 -12.34 1.90
CA PHE A 98 -15.59 -12.55 0.51
C PHE A 98 -16.20 -13.87 0.13
N ASP A 99 -16.69 -13.99 -1.10
CA ASP A 99 -17.30 -15.22 -1.59
C ASP A 99 -17.22 -15.28 -3.10
N LEU A 100 -17.45 -16.46 -3.67
CA LEU A 100 -17.44 -16.70 -5.12
C LEU A 100 -18.86 -16.95 -5.57
N LYS A 101 -19.32 -16.19 -6.56
CA LYS A 101 -20.65 -16.39 -7.14
C LYS A 101 -20.54 -17.48 -8.22
N ASP A 102 -19.35 -17.60 -8.82
CA ASP A 102 -18.95 -18.56 -9.85
C ASP A 102 -17.43 -18.38 -10.02
N PRO A 103 -16.70 -19.19 -10.82
CA PRO A 103 -15.23 -18.99 -10.91
C PRO A 103 -14.73 -17.65 -11.48
N ASN A 104 -15.61 -16.88 -12.13
CA ASN A 104 -15.26 -15.59 -12.73
C ASN A 104 -15.74 -14.39 -11.88
N THR A 105 -16.42 -14.65 -10.76
CA THR A 105 -17.04 -13.62 -9.92
C THR A 105 -16.72 -13.70 -8.42
N LEU A 106 -15.93 -12.73 -7.96
CA LEU A 106 -15.63 -12.60 -6.54
C LEU A 106 -16.52 -11.49 -5.96
N THR A 107 -17.21 -11.78 -4.84
CA THR A 107 -18.04 -10.78 -4.16
C THR A 107 -17.39 -10.41 -2.82
N GLU A 108 -17.71 -9.22 -2.30
CA GLU A 108 -17.21 -8.69 -1.06
C GLU A 108 -18.37 -7.90 -0.47
N THR A 109 -18.93 -8.42 0.62
CA THR A 109 -20.07 -7.84 1.27
C THR A 109 -19.65 -7.20 2.58
N HIS A 110 -20.09 -5.96 2.78
CA HIS A 110 -19.85 -5.17 3.99
C HIS A 110 -21.17 -4.90 4.68
N ILE A 111 -21.18 -5.09 5.99
CA ILE A 111 -22.31 -4.75 6.84
C ILE A 111 -21.70 -3.81 7.90
N LYS A 112 -22.26 -2.62 8.07
CA LYS A 112 -21.76 -1.71 9.11
C LYS A 112 -22.16 -2.25 10.49
N VAL A 113 -21.20 -2.29 11.44
CA VAL A 113 -21.43 -2.78 12.80
C VAL A 113 -22.40 -1.83 13.54
N ASP A 114 -22.17 -0.51 13.41
CA ASP A 114 -22.97 0.55 14.05
C ASP A 114 -24.26 0.88 13.29
N ASP A 115 -24.45 0.28 12.09
CA ASP A 115 -25.64 0.44 11.24
C ASP A 115 -25.89 -0.91 10.52
N PRO A 116 -26.47 -1.93 11.20
CA PRO A 116 -26.68 -3.24 10.54
C PRO A 116 -27.60 -3.25 9.31
N THR A 117 -28.31 -2.15 9.06
CA THR A 117 -29.21 -1.94 7.92
C THR A 117 -28.41 -1.56 6.67
N ASP A 118 -27.19 -1.04 6.87
CA ASP A 118 -26.30 -0.67 5.78
C ASP A 118 -25.50 -1.90 5.28
N VAL A 119 -26.04 -2.59 4.26
CA VAL A 119 -25.50 -3.80 3.64
C VAL A 119 -25.19 -3.49 2.18
N GLU A 120 -23.94 -3.75 1.75
CA GLU A 120 -23.53 -3.52 0.37
C GLU A 120 -22.54 -4.58 -0.13
N THR A 121 -22.79 -5.09 -1.35
CA THR A 121 -21.95 -6.05 -2.05
C THR A 121 -21.19 -5.43 -3.24
N TYR A 122 -19.87 -5.70 -3.31
CA TYR A 122 -19.00 -5.29 -4.42
C TYR A 122 -18.63 -6.54 -5.21
N GLU A 123 -18.58 -6.44 -6.53
CA GLU A 123 -18.29 -7.55 -7.42
C GLU A 123 -16.98 -7.31 -8.18
N TYR A 124 -16.12 -8.34 -8.25
CA TYR A 124 -14.87 -8.26 -8.98
C TYR A 124 -14.84 -9.27 -10.09
N ARG A 125 -14.36 -8.83 -11.26
CA ARG A 125 -14.25 -9.67 -12.43
C ARG A 125 -12.96 -9.38 -13.12
N ARG A 126 -12.36 -10.39 -13.72
CA ARG A 126 -11.15 -10.19 -14.50
C ARG A 126 -11.54 -10.00 -15.94
N ASP A 127 -10.92 -9.02 -16.60
CA ASP A 127 -11.14 -8.75 -18.00
C ASP A 127 -9.79 -8.38 -18.64
N GLY A 128 -9.11 -9.39 -19.16
CA GLY A 128 -7.77 -9.23 -19.72
C GLY A 128 -6.84 -8.90 -18.57
N ASP A 129 -6.04 -7.85 -18.74
CA ASP A 129 -5.09 -7.40 -17.71
C ASP A 129 -5.73 -6.63 -16.58
N TYR A 130 -7.06 -6.52 -16.60
CA TYR A 130 -7.81 -5.74 -15.63
C TYR A 130 -8.66 -6.55 -14.70
N LEU A 131 -8.74 -6.06 -13.46
CA LEU A 131 -9.67 -6.48 -12.43
C LEU A 131 -10.70 -5.33 -12.46
N VAL A 132 -11.95 -5.66 -12.69
CA VAL A 132 -13.07 -4.72 -12.76
C VAL A 132 -13.89 -4.87 -11.48
N MET A 133 -14.03 -3.77 -10.72
CA MET A 133 -14.83 -3.74 -9.53
C MET A 133 -16.13 -3.03 -9.86
N LYS A 134 -17.27 -3.71 -9.65
CA LYS A 134 -18.60 -3.18 -9.92
C LYS A 134 -19.40 -2.98 -8.65
N MET A 135 -20.12 -1.86 -8.59
CA MET A 135 -20.96 -1.46 -7.45
C MET A 135 -22.22 -0.83 -7.97
N SER A 136 -23.29 -0.94 -7.17
CA SER A 136 -24.61 -0.41 -7.47
C SER A 136 -25.31 0.08 -6.21
N TRP A 137 -25.89 1.29 -6.27
CA TRP A 137 -26.67 1.85 -5.15
C TRP A 137 -27.84 2.65 -5.66
N LYS A 138 -29.07 2.33 -5.20
CA LYS A 138 -30.31 3.01 -5.61
C LYS A 138 -30.48 3.12 -7.15
N GLY A 139 -30.10 2.05 -7.87
CA GLY A 139 -30.15 2.00 -9.34
C GLY A 139 -28.96 2.64 -10.05
N VAL A 140 -28.02 3.24 -9.30
CA VAL A 140 -26.84 3.90 -9.88
C VAL A 140 -25.62 2.94 -9.87
N SER A 141 -25.13 2.53 -11.06
CA SER A 141 -24.01 1.59 -11.23
C SER A 141 -22.70 2.27 -11.60
N THR A 142 -21.57 1.65 -11.21
CA THR A 142 -20.21 2.12 -11.46
C THR A 142 -19.24 0.92 -11.63
N SER A 143 -18.20 1.11 -12.46
CA SER A 143 -17.14 0.12 -12.71
C SER A 143 -15.82 0.84 -12.50
N ARG A 144 -14.88 0.22 -11.77
CA ARG A 144 -13.56 0.76 -11.45
C ARG A 144 -12.59 -0.26 -12.00
N TYR A 145 -11.61 0.20 -12.80
CA TYR A 145 -10.62 -0.61 -13.53
C TYR A 145 -9.25 -0.57 -12.87
N TYR A 146 -8.77 -1.75 -12.42
CA TYR A 146 -7.47 -1.96 -11.75
C TYR A 146 -6.58 -2.82 -12.62
N LYS A 147 -5.49 -2.25 -13.03
CA LYS A 147 -4.52 -2.85 -13.92
C LYS A 147 -3.64 -3.80 -13.13
N LYS A 148 -3.58 -5.08 -13.55
CA LYS A 148 -2.74 -6.09 -12.95
C LYS A 148 -1.27 -5.65 -13.12
N GLN A 149 -0.51 -5.68 -11.99
CA GLN A 149 0.90 -5.28 -11.91
C GLN A 149 1.82 -6.50 -11.77
N LYS B 7 13.83 14.84 19.15
CA LYS B 7 13.50 16.00 18.33
C LYS B 7 12.18 15.81 17.55
N THR B 8 11.55 16.93 17.12
CA THR B 8 10.29 16.93 16.37
C THR B 8 10.58 16.94 14.86
N LEU B 9 9.99 16.00 14.12
CA LEU B 9 10.12 15.92 12.67
C LEU B 9 9.37 17.09 12.05
N PRO B 10 10.05 17.90 11.20
CA PRO B 10 9.36 19.01 10.51
C PRO B 10 8.14 18.53 9.69
N ASP B 11 7.06 19.36 9.67
CA ASP B 11 5.80 19.10 8.99
C ASP B 11 5.95 18.81 7.50
N LYS B 12 6.99 19.38 6.86
CA LYS B 12 7.31 19.19 5.45
C LYS B 12 7.61 17.70 5.12
N PHE B 13 7.97 16.90 6.12
CA PHE B 13 8.24 15.48 5.91
C PHE B 13 7.01 14.62 6.18
N LEU B 14 5.92 15.25 6.63
CA LEU B 14 4.67 14.54 6.90
C LEU B 14 3.72 14.47 5.70
N GLY B 15 3.13 13.29 5.51
CA GLY B 15 2.17 13.04 4.46
C GLY B 15 2.41 11.78 3.63
N THR B 16 1.76 11.73 2.47
CA THR B 16 1.85 10.64 1.49
C THR B 16 2.59 11.18 0.28
N PHE B 17 3.53 10.41 -0.21
CA PHE B 17 4.41 10.78 -1.33
C PHE B 17 4.47 9.61 -2.30
N LYS B 18 4.14 9.85 -3.55
CA LYS B 18 4.10 8.83 -4.58
C LYS B 18 5.24 9.01 -5.56
N LEU B 19 6.00 7.91 -5.77
CA LEU B 19 7.09 7.85 -6.74
C LEU B 19 6.60 8.22 -8.13
N GLU B 20 7.29 9.18 -8.73
CA GLU B 20 6.94 9.73 -10.04
C GLU B 20 8.02 9.53 -11.11
N ARG B 21 9.27 9.85 -10.78
CA ARG B 21 10.39 9.78 -11.72
C ARG B 21 11.71 9.66 -10.95
N ASP B 22 12.77 9.29 -11.66
CA ASP B 22 14.10 9.15 -11.09
C ASP B 22 15.20 9.42 -12.10
N GLU B 23 16.43 9.52 -11.62
CA GLU B 23 17.61 9.83 -12.41
C GLU B 23 18.68 8.90 -11.98
N ASN B 24 19.25 8.13 -12.95
CA ASN B 24 20.40 7.23 -12.78
C ASN B 24 20.18 6.09 -11.78
N PHE B 25 18.92 5.67 -11.58
CA PHE B 25 18.65 4.61 -10.60
C PHE B 25 19.24 3.27 -11.02
N ASP B 26 19.28 3.01 -12.34
CA ASP B 26 19.80 1.78 -12.93
C ASP B 26 21.28 1.54 -12.57
N GLU B 27 22.16 2.50 -12.90
CA GLU B 27 23.59 2.37 -12.62
C GLU B 27 23.79 2.25 -11.10
N TYR B 28 22.98 3.00 -10.32
CA TYR B 28 23.04 2.91 -8.88
C TYR B 28 22.80 1.46 -8.40
N LEU B 29 21.80 0.80 -8.98
CA LEU B 29 21.44 -0.59 -8.62
C LEU B 29 22.52 -1.60 -9.03
N LYS B 30 23.22 -1.26 -10.11
CA LYS B 30 24.30 -2.05 -10.68
C LYS B 30 25.53 -1.92 -9.78
N ALA B 31 25.82 -0.70 -9.27
CA ALA B 31 26.91 -0.42 -8.33
C ALA B 31 26.65 -1.20 -7.03
N ARG B 32 25.38 -1.30 -6.62
CA ARG B 32 24.90 -2.06 -5.46
C ARG B 32 24.92 -3.62 -5.66
N GLY B 33 25.22 -4.10 -6.86
CA GLY B 33 25.31 -5.54 -7.13
C GLY B 33 24.12 -6.24 -7.75
N TYR B 34 23.07 -5.51 -8.15
CA TYR B 34 21.90 -6.13 -8.79
C TYR B 34 22.09 -6.38 -10.28
N GLY B 35 21.78 -7.61 -10.69
CA GLY B 35 21.81 -8.04 -12.08
C GLY B 35 20.61 -7.51 -12.82
N TRP B 36 20.63 -7.64 -14.15
CA TRP B 36 19.63 -7.11 -15.06
C TRP B 36 18.16 -7.36 -14.62
N ILE B 37 17.78 -8.61 -14.41
CA ILE B 37 16.41 -9.02 -14.05
C ILE B 37 15.92 -8.32 -12.78
N MET B 38 16.72 -8.32 -11.70
CA MET B 38 16.39 -7.68 -10.41
C MET B 38 16.22 -6.19 -10.55
N ARG B 39 17.14 -5.52 -11.27
CA ARG B 39 17.11 -4.08 -11.56
C ARG B 39 15.84 -3.67 -12.26
N GLN B 40 15.36 -4.46 -13.23
CA GLN B 40 14.11 -4.14 -13.94
C GLN B 40 12.92 -4.12 -13.01
N VAL B 41 12.76 -5.13 -12.14
CA VAL B 41 11.59 -5.18 -11.24
C VAL B 41 11.74 -4.18 -10.07
N ILE B 42 12.96 -3.85 -9.64
CA ILE B 42 13.15 -2.86 -8.57
C ILE B 42 12.86 -1.46 -9.09
N LYS B 43 13.42 -1.13 -10.25
CA LYS B 43 13.28 0.21 -10.81
C LYS B 43 11.89 0.47 -11.44
N LEU B 44 11.11 -0.57 -11.79
N LEU B 44 11.13 -0.61 -11.77
CA LEU B 44 9.78 -0.34 -12.38
CA LEU B 44 9.78 -0.60 -12.36
C LEU B 44 8.63 -0.49 -11.35
C LEU B 44 8.69 -0.39 -11.31
N ALA B 45 8.94 -0.88 -10.09
CA ALA B 45 7.98 -0.92 -9.00
C ALA B 45 7.39 0.44 -8.63
N GLY B 46 6.07 0.48 -8.45
CA GLY B 46 5.37 1.64 -7.95
C GLY B 46 5.70 1.75 -6.47
N VAL B 47 5.93 2.96 -5.97
CA VAL B 47 6.26 3.17 -4.55
C VAL B 47 5.47 4.36 -3.99
N THR B 48 4.91 4.16 -2.81
CA THR B 48 4.23 5.19 -2.04
C THR B 48 4.82 5.19 -0.62
N LYS B 49 5.32 6.36 -0.19
CA LYS B 49 5.88 6.55 1.15
C LYS B 49 4.90 7.34 2.00
N LYS B 50 4.74 6.93 3.26
CA LYS B 50 3.89 7.66 4.20
C LYS B 50 4.65 7.93 5.47
N PHE B 51 4.54 9.14 5.98
CA PHE B 51 5.14 9.57 7.24
C PHE B 51 4.07 10.28 8.01
N ARG B 52 3.88 9.89 9.26
CA ARG B 52 2.88 10.52 10.12
C ARG B 52 3.37 10.53 11.56
N ASN B 53 2.71 11.31 12.41
CA ASN B 53 2.93 11.28 13.86
C ASN B 53 2.39 9.90 14.28
N ALA B 54 3.12 9.17 15.15
CA ALA B 54 2.72 7.83 15.58
C ALA B 54 1.21 7.72 15.90
N ALA B 55 0.55 6.69 15.33
CA ALA B 55 -0.88 6.41 15.52
C ALA B 55 -1.19 5.95 16.97
N SER B 56 -0.14 5.67 17.76
CA SER B 56 -0.22 5.26 19.15
C SER B 56 -0.54 6.47 20.04
N GLY B 57 -0.16 7.66 19.57
CA GLY B 57 -0.36 8.92 20.27
C GLY B 57 0.83 9.39 21.07
N LYS B 58 1.93 8.58 21.09
CA LYS B 58 3.17 8.88 21.80
C LYS B 58 3.83 10.12 21.20
N PRO B 59 4.15 11.17 22.01
CA PRO B 59 4.76 12.39 21.45
C PRO B 59 6.19 12.19 20.97
N ASP B 60 6.56 12.90 19.87
CA ASP B 60 7.88 12.85 19.20
C ASP B 60 8.23 11.46 18.68
N ARG B 61 7.18 10.67 18.39
CA ARG B 61 7.25 9.34 17.81
C ARG B 61 6.47 9.33 16.50
N TYR B 62 6.99 8.56 15.52
CA TYR B 62 6.48 8.54 14.16
C TYR B 62 6.28 7.15 13.60
N ASP B 63 5.49 7.08 12.50
CA ASP B 63 5.21 5.90 11.69
C ASP B 63 5.65 6.21 10.27
N MET B 64 6.13 5.18 9.58
CA MET B 64 6.60 5.27 8.22
C MET B 64 6.32 3.93 7.51
N GLU B 65 5.67 4.02 6.34
CA GLU B 65 5.43 2.88 5.48
C GLU B 65 6.03 3.08 4.12
N ASN B 66 6.54 1.99 3.52
CA ASN B 66 7.01 1.89 2.14
C ASN B 66 6.04 0.93 1.47
N LEU B 67 5.11 1.44 0.66
CA LEU B 67 4.12 0.59 -0.02
C LEU B 67 4.52 0.41 -1.47
N THR B 68 4.85 -0.83 -1.85
CA THR B 68 5.31 -1.09 -3.22
C THR B 68 4.37 -2.04 -3.90
N THR B 69 4.65 -2.35 -5.16
CA THR B 69 3.89 -3.31 -5.97
C THR B 69 3.81 -4.66 -5.26
N LYS B 70 4.90 -5.06 -4.59
CA LYS B 70 4.99 -6.32 -3.91
C LYS B 70 5.11 -6.18 -2.40
N LYS B 71 6.31 -6.05 -1.92
CA LYS B 71 6.66 -5.95 -0.52
C LYS B 71 6.29 -4.59 0.07
N ASP B 72 5.77 -4.62 1.32
CA ASP B 72 5.51 -3.43 2.11
C ASP B 72 6.28 -3.50 3.43
N THR B 73 6.77 -2.34 3.90
CA THR B 73 7.41 -2.19 5.21
C THR B 73 6.56 -1.24 6.04
N HIS B 74 6.50 -1.47 7.34
CA HIS B 74 5.73 -0.64 8.26
C HIS B 74 6.58 -0.51 9.51
N HIS B 75 7.09 0.70 9.77
CA HIS B 75 7.94 1.05 10.90
C HIS B 75 7.13 1.97 11.80
N LYS B 76 6.71 1.43 12.93
CA LYS B 76 5.88 2.13 13.90
C LYS B 76 6.61 2.51 15.18
N ASP B 77 6.27 3.69 15.72
CA ASP B 77 6.73 4.25 16.99
C ASP B 77 8.21 4.51 17.08
N TRP B 78 8.84 4.93 15.97
CA TRP B 78 10.26 5.25 15.99
C TRP B 78 10.47 6.71 16.39
N ALA B 79 11.65 6.99 16.96
CA ALA B 79 12.02 8.34 17.33
C ALA B 79 13.23 8.74 16.50
N LEU B 80 13.33 10.04 16.15
CA LEU B 80 14.48 10.55 15.44
C LEU B 80 15.73 10.36 16.34
N GLY B 81 16.78 9.77 15.78
CA GLY B 81 18.04 9.48 16.48
C GLY B 81 18.10 8.15 17.20
N GLU B 82 16.98 7.39 17.21
CA GLU B 82 16.86 6.11 17.91
C GLU B 82 16.80 4.93 16.95
N GLU B 83 17.83 4.06 17.04
CA GLU B 83 17.94 2.87 16.21
C GLU B 83 16.95 1.80 16.67
N PHE B 84 16.32 1.15 15.67
CA PHE B 84 15.41 0.04 15.88
C PHE B 84 15.76 -1.04 14.86
N GLN B 85 15.23 -2.25 15.05
CA GLN B 85 15.39 -3.36 14.13
C GLN B 85 14.03 -3.71 13.57
N ASP B 86 13.97 -3.90 12.25
CA ASP B 86 12.77 -4.27 11.54
C ASP B 86 13.11 -4.91 10.21
N GLU B 87 12.11 -5.53 9.57
CA GLU B 87 12.23 -6.12 8.25
C GLU B 87 12.30 -4.99 7.20
N ALA B 88 13.20 -5.11 6.22
CA ALA B 88 13.35 -4.12 5.14
C ALA B 88 12.67 -4.64 3.87
N LEU B 89 12.78 -3.90 2.76
CA LEU B 89 12.12 -4.23 1.49
C LEU B 89 12.69 -5.48 0.77
N ASP B 90 13.90 -5.95 1.18
CA ASP B 90 14.55 -7.16 0.67
C ASP B 90 14.12 -8.41 1.46
N SER B 91 13.23 -8.21 2.46
CA SER B 91 12.67 -9.23 3.37
C SER B 91 13.69 -9.73 4.43
N THR B 92 14.77 -8.96 4.65
CA THR B 92 15.78 -9.28 5.67
C THR B 92 15.67 -8.28 6.82
N GLN B 93 16.35 -8.57 7.93
CA GLN B 93 16.40 -7.71 9.11
C GLN B 93 17.50 -6.68 8.96
N HIS B 94 17.15 -5.42 9.24
CA HIS B 94 18.05 -4.28 9.18
C HIS B 94 17.91 -3.51 10.49
N LYS B 95 18.99 -2.82 10.85
CA LYS B 95 19.03 -1.88 11.97
C LYS B 95 18.78 -0.56 11.24
N ILE B 96 17.70 0.14 11.61
CA ILE B 96 17.34 1.38 10.94
C ILE B 96 17.32 2.58 11.89
N THR B 97 17.87 3.70 11.42
CA THR B 97 17.85 4.97 12.15
C THR B 97 17.38 6.12 11.25
N PHE B 98 16.33 6.83 11.68
CA PHE B 98 15.90 8.07 11.06
C PHE B 98 16.49 9.19 11.93
N ASP B 99 17.03 10.24 11.32
CA ASP B 99 17.57 11.40 12.01
C ASP B 99 17.43 12.64 11.14
N LEU B 100 17.73 13.81 11.69
CA LEU B 100 17.70 15.08 10.96
C LEU B 100 19.11 15.62 10.86
N LYS B 101 19.62 15.77 9.63
CA LYS B 101 20.95 16.33 9.39
C LYS B 101 20.83 17.83 9.67
N ASP B 102 19.76 18.45 9.15
CA ASP B 102 19.41 19.86 9.34
C ASP B 102 17.87 20.00 9.22
N PRO B 103 17.25 21.18 9.47
CA PRO B 103 15.77 21.27 9.38
C PRO B 103 15.13 20.81 8.07
N ASN B 104 15.89 20.87 6.98
CA ASN B 104 15.48 20.54 5.61
C ASN B 104 15.98 19.13 5.14
N THR B 105 16.62 18.36 6.03
CA THR B 105 17.20 17.07 5.64
C THR B 105 16.92 15.93 6.61
N LEU B 106 16.17 14.92 6.12
CA LEU B 106 15.85 13.71 6.87
C LEU B 106 16.74 12.58 6.34
N THR B 107 17.46 11.90 7.22
CA THR B 107 18.30 10.77 6.83
C THR B 107 17.65 9.49 7.33
N GLU B 108 17.95 8.38 6.64
CA GLU B 108 17.47 7.05 6.96
C GLU B 108 18.68 6.14 6.74
N THR B 109 19.20 5.58 7.82
CA THR B 109 20.40 4.72 7.74
C THR B 109 20.01 3.28 7.96
N HIS B 110 20.50 2.39 7.07
CA HIS B 110 20.27 0.95 7.15
C HIS B 110 21.58 0.22 7.44
N ILE B 111 21.53 -0.71 8.37
CA ILE B 111 22.66 -1.60 8.68
C ILE B 111 22.12 -3.04 8.54
N LYS B 112 22.72 -3.86 7.67
CA LYS B 112 22.29 -5.26 7.48
C LYS B 112 22.58 -6.10 8.74
N VAL B 113 21.55 -6.78 9.28
CA VAL B 113 21.76 -7.62 10.47
C VAL B 113 22.74 -8.78 10.10
N ASP B 114 22.56 -9.34 8.89
CA ASP B 114 23.39 -10.39 8.31
C ASP B 114 24.81 -9.92 8.04
N ASP B 115 24.98 -8.63 7.60
CA ASP B 115 26.29 -8.03 7.37
C ASP B 115 26.38 -6.63 8.03
N PRO B 116 26.66 -6.55 9.37
CA PRO B 116 26.69 -5.23 10.05
C PRO B 116 27.82 -4.29 9.58
N THR B 117 28.56 -4.76 8.59
CA THR B 117 29.66 -4.08 7.91
C THR B 117 29.08 -3.26 6.70
N ASP B 118 27.86 -3.61 6.26
CA ASP B 118 27.13 -2.95 5.18
C ASP B 118 26.21 -1.87 5.80
N VAL B 119 26.63 -0.63 5.66
CA VAL B 119 25.95 0.56 6.17
C VAL B 119 25.72 1.48 4.98
N GLU B 120 24.48 2.00 4.89
CA GLU B 120 24.07 2.92 3.85
C GLU B 120 23.04 3.91 4.39
N THR B 121 23.22 5.17 4.05
CA THR B 121 22.30 6.24 4.41
C THR B 121 21.59 6.75 3.15
N TYR B 122 20.29 7.01 3.29
CA TYR B 122 19.44 7.64 2.27
C TYR B 122 19.07 9.02 2.83
N GLU B 123 19.01 10.00 1.94
CA GLU B 123 18.72 11.38 2.27
C GLU B 123 17.38 11.81 1.65
N TYR B 124 16.53 12.48 2.44
CA TYR B 124 15.25 13.00 1.97
C TYR B 124 15.27 14.50 2.10
N ARG B 125 14.85 15.18 1.03
CA ARG B 125 14.76 16.64 0.99
C ARG B 125 13.46 17.04 0.29
N ARG B 126 12.81 18.09 0.78
CA ARG B 126 11.61 18.64 0.16
C ARG B 126 12.06 19.68 -0.85
N ASP B 127 11.50 19.60 -2.06
CA ASP B 127 11.81 20.52 -3.14
C ASP B 127 10.46 20.75 -3.82
N GLY B 128 9.78 21.82 -3.40
CA GLY B 128 8.45 22.12 -3.89
C GLY B 128 7.49 21.01 -3.47
N ASP B 129 6.70 20.50 -4.42
CA ASP B 129 5.70 19.45 -4.16
C ASP B 129 6.31 18.08 -4.09
N TYR B 130 7.64 18.01 -4.15
CA TYR B 130 8.37 16.74 -4.16
C TYR B 130 9.17 16.47 -2.92
N LEU B 131 9.27 15.20 -2.61
CA LEU B 131 10.16 14.65 -1.62
C LEU B 131 11.19 13.97 -2.53
N VAL B 132 12.44 14.38 -2.44
CA VAL B 132 13.52 13.86 -3.23
C VAL B 132 14.30 12.89 -2.34
N MET B 133 14.46 11.66 -2.81
CA MET B 133 15.25 10.66 -2.11
C MET B 133 16.59 10.56 -2.85
N LYS B 134 17.68 10.88 -2.17
CA LYS B 134 19.04 10.81 -2.74
C LYS B 134 19.80 9.61 -2.18
N MET B 135 20.47 8.88 -3.08
CA MET B 135 21.24 7.67 -2.72
C MET B 135 22.54 7.69 -3.49
N SER B 136 23.59 7.13 -2.92
CA SER B 136 24.89 7.03 -3.57
C SER B 136 25.62 5.78 -3.12
N TRP B 137 26.23 5.06 -4.05
CA TRP B 137 26.97 3.84 -3.73
C TRP B 137 28.16 3.70 -4.62
N LYS B 138 29.37 3.70 -4.03
CA LYS B 138 30.66 3.52 -4.75
C LYS B 138 30.85 4.51 -5.92
N GLY B 139 30.51 5.78 -5.68
CA GLY B 139 30.66 6.86 -6.65
C GLY B 139 29.47 7.10 -7.54
N VAL B 140 28.46 6.21 -7.47
CA VAL B 140 27.26 6.27 -8.33
C VAL B 140 26.05 6.82 -7.56
N SER B 141 25.63 8.05 -7.94
CA SER B 141 24.53 8.81 -7.33
C SER B 141 23.23 8.73 -8.11
N THR B 142 22.12 8.74 -7.37
CA THR B 142 20.77 8.69 -7.89
C THR B 142 19.80 9.59 -7.10
N SER B 143 18.78 10.10 -7.79
CA SER B 143 17.71 10.90 -7.21
C SER B 143 16.39 10.31 -7.64
N ARG B 144 15.46 10.07 -6.68
CA ARG B 144 14.09 9.55 -6.94
C ARG B 144 13.12 10.62 -6.42
N TYR B 145 12.13 10.99 -7.24
CA TYR B 145 11.18 12.08 -6.97
C TYR B 145 9.77 11.57 -6.65
N TYR B 146 9.37 11.85 -5.43
CA TYR B 146 8.08 11.43 -4.90
C TYR B 146 7.21 12.66 -4.81
N LYS B 147 6.09 12.64 -5.53
CA LYS B 147 5.12 13.74 -5.53
C LYS B 147 4.26 13.68 -4.26
N LYS B 148 4.13 14.82 -3.54
CA LYS B 148 3.26 14.96 -2.38
C LYS B 148 1.81 14.73 -2.84
N GLN B 149 1.08 13.83 -2.18
CA GLN B 149 -0.32 13.54 -2.52
C GLN B 149 -1.26 14.25 -1.54
O2 VCA C . -12.45 -0.12 -2.50
C1 VCA C . -12.05 0.97 -3.11
O1 VCA C . -11.28 0.95 -4.04
C2 VCA C . -12.62 2.24 -2.55
C3 VCA C . -11.66 3.43 -2.51
C4 VCA C . -12.16 4.55 -1.61
C5 VCA C . -11.33 5.82 -1.64
C6 VCA C . -10.21 5.83 -0.62
C7 VCA C . -9.27 7.01 -0.80
C8 VCA C . -9.72 8.34 -0.20
C9 VCA C . -9.42 8.50 1.27
C10 VCA C . -10.00 9.79 1.85
C11 VCA C . -10.36 9.68 3.31
C12 VCA C . -11.36 8.98 3.81
C13 VCA C . -12.33 8.14 3.03
C14 VCA C . -13.52 7.66 3.85
C15 VCA C . -14.60 6.94 3.03
C16 VCA C . -14.13 5.71 2.28
C17 VCA C . -15.25 5.00 1.54
C18 VCA C . -14.87 3.62 1.08
H21 VCA C . -13.00 2.04 -1.55
H22 VCA C . -13.51 2.49 -3.13
H31 VCA C . -11.50 3.80 -3.52
H32 VCA C . -10.68 3.09 -2.19
H41 VCA C . -12.19 4.18 -0.58
H42 VCA C . -13.20 4.78 -1.86
H51 VCA C . -11.97 6.67 -1.46
H52 VCA C . -10.95 5.97 -2.64
H61 VCA C . -9.63 4.91 -0.73
H62 VCA C . -10.60 5.81 0.40
H71 VCA C . -9.16 7.12 -1.88
H72 VCA C . -8.27 6.78 -0.45
H81 VCA C . -10.79 8.49 -0.39
H82 VCA C . -9.25 9.16 -0.74
H91 VCA C . -8.34 8.48 1.42
H92 VCA C . -9.79 7.63 1.81
H101 VCA C . -10.87 10.11 1.27
H102 VCA C . -9.28 10.60 1.75
H11 VCA C . -9.71 10.25 3.98
H12 VCA C . -11.53 8.97 4.88
H131 VCA C . -11.79 7.28 2.64
H132 VCA C . -12.68 8.67 2.14
H141 VCA C . -13.96 8.50 4.39
H142 VCA C . -13.17 7.00 4.64
H151 VCA C . -15.04 7.66 2.33
H152 VCA C . -15.42 6.67 3.69
H161 VCA C . -13.65 5.01 2.96
H162 VCA C . -13.36 5.98 1.55
H171 VCA C . -15.58 5.59 0.69
H172 VCA C . -16.13 4.95 2.19
H181 VCA C . -14.01 3.62 0.43
H182 VCA C . -15.68 3.13 0.52
H183 VCA C . -14.63 2.95 1.92
C1 EDO D . -8.64 7.36 -11.64
O1 EDO D . -10.04 7.50 -11.89
C2 EDO D . -8.31 7.73 -10.16
O2 EDO D . -6.93 7.48 -9.87
H11 EDO D . -8.27 6.36 -11.88
H12 EDO D . -8.16 8.05 -12.33
HO1 EDO D . -10.14 7.59 -12.88
H21 EDO D . -8.43 8.80 -10.01
H22 EDO D . -8.98 7.22 -9.47
HO2 EDO D . -6.81 7.63 -8.90
C1 EDO E . -20.64 -0.62 2.64
O1 EDO E . -21.67 -0.92 3.60
C2 EDO E . -19.65 0.41 3.22
O2 EDO E . -19.81 1.69 2.62
H11 EDO E . -20.12 -1.51 2.28
H12 EDO E . -21.16 -0.20 1.78
HO1 EDO E . -22.50 -1.13 3.08
H21 EDO E . -19.84 0.58 4.28
H22 EDO E . -18.62 0.05 3.16
HO2 EDO E . -19.35 2.35 3.19
C1 EDO F . -7.02 -21.33 -10.80
O1 EDO F . -8.16 -20.69 -11.33
C2 EDO F . -7.23 -21.65 -9.29
O2 EDO F . -6.26 -22.59 -8.85
H11 EDO F . -6.75 -22.24 -11.36
H12 EDO F . -6.21 -20.62 -10.95
HO1 EDO F . -7.95 -19.72 -11.43
H21 EDO F . -7.04 -20.77 -8.68
H22 EDO F . -8.25 -21.97 -9.08
HO2 EDO F . -6.07 -22.40 -7.89
C1 EDO G . 1.65 0.81 -4.25
O1 EDO G . 0.78 1.83 -3.76
C2 EDO G . 2.15 1.07 -5.69
O2 EDO G . 1.51 0.22 -6.63
H11 EDO G . 2.49 0.63 -3.57
H12 EDO G . 1.03 -0.09 -4.22
HO1 EDO G . 0.68 1.70 -2.78
H21 EDO G . 1.91 2.08 -6.01
H22 EDO G . 3.23 0.97 -5.72
HO2 EDO G . 1.77 0.52 -7.54
C1 EDO H . -23.45 -4.66 -7.68
O1 EDO H . -22.68 -5.73 -7.16
C2 EDO H . -23.06 -4.37 -9.15
O2 EDO H . -23.07 -5.59 -9.88
H11 EDO H . -24.52 -4.83 -7.58
H12 EDO H . -23.21 -3.82 -7.04
HO1 EDO H . -23.11 -6.03 -6.31
H21 EDO H . -23.80 -3.75 -9.65
H22 EDO H . -22.10 -3.86 -9.22
HO2 EDO H . -23.21 -5.36 -10.84
C1 EDO I . -20.02 -25.41 -2.01
O1 EDO I . -19.81 -24.94 -3.32
C2 EDO I . -18.73 -25.20 -1.14
O2 EDO I . -17.63 -25.85 -1.75
H11 EDO I . -20.88 -24.93 -1.54
H12 EDO I . -20.25 -26.46 -2.12
HO1 EDO I . -20.62 -24.43 -3.60
H21 EDO I . -18.45 -24.14 -1.10
H22 EDO I . -18.90 -25.52 -0.12
HO2 EDO I . -16.90 -25.89 -1.08
C1 EDO J . -12.76 -22.74 5.50
O1 EDO J . -13.65 -22.11 6.42
C2 EDO J . -11.30 -22.74 6.06
O2 EDO J . -10.43 -23.38 5.14
H11 EDO J . -13.09 -23.74 5.23
H12 EDO J . -12.82 -22.12 4.60
HO1 EDO J . -14.57 -22.25 6.07
H21 EDO J . -10.92 -21.73 6.16
H22 EDO J . -11.27 -23.19 7.06
HO2 EDO J . -9.61 -23.64 5.64
C TAM K . 1.10 -13.92 -8.31
C1 TAM K . 1.06 -13.48 -6.79
C2 TAM K . 0.55 -12.69 -9.15
C3 TAM K . 2.49 -14.44 -8.91
C4 TAM K . 0.59 -14.53 -5.79
C5 TAM K . 1.40 -11.43 -9.02
C6 TAM K . 3.57 -14.72 -7.91
N TAM K . 0.15 -15.05 -8.31
O4 TAM K . 0.59 -13.99 -4.49
O5 TAM K . 0.74 -10.21 -9.45
O6 TAM K . 4.70 -15.25 -8.56
H11 TAM K . 0.36 -12.64 -6.69
H12 TAM K . 2.01 -13.06 -6.47
H21 TAM K . -0.48 -12.46 -8.89
H22 TAM K . 0.47 -12.97 -10.20
H31 TAM K . 2.34 -15.33 -9.52
H32 TAM K . 2.86 -13.74 -9.67
H41 TAM K . 1.17 -15.44 -5.84
H42 TAM K . -0.46 -14.81 -5.90
H51 TAM K . 2.34 -11.58 -9.55
H52 TAM K . 1.68 -11.28 -7.98
H61 TAM K . 3.97 -13.82 -7.44
H62 TAM K . 3.24 -15.37 -7.10
HN1 TAM K . -0.85 -14.83 -8.29
HN2 TAM K . 0.38 -15.89 -8.83
HO4 TAM K . 0.09 -14.62 -3.91
HO5 TAM K . 1.05 -9.47 -8.86
HO6 TAM K . 5.47 -15.19 -7.93
C TAM L . -0.77 15.79 7.41
C1 TAM L . -1.29 17.27 7.32
C2 TAM L . 0.22 15.53 6.26
C3 TAM L . 0.02 15.55 8.76
C4 TAM L . -2.60 17.52 6.62
C5 TAM L . -0.22 15.86 4.86
C6 TAM L . -0.03 14.15 9.35
N TAM L . -1.89 14.87 7.21
O4 TAM L . -3.64 16.87 7.31
O5 TAM L . -1.35 15.09 4.51
O6 TAM L . -0.11 13.13 8.35
H11 TAM L . -0.53 17.88 6.84
H12 TAM L . -1.34 17.70 8.32
H21 TAM L . 0.50 14.47 6.29
H22 TAM L . 1.15 16.03 6.47
H31 TAM L . 1.06 15.84 8.66
H32 TAM L . -0.33 16.25 9.53
H41 TAM L . -2.60 17.25 5.57
H42 TAM L . -2.91 18.57 6.68
H51 TAM L . 0.59 15.63 4.17
H52 TAM L . -0.42 16.92 4.74
H61 TAM L . 0.90 13.92 9.85
H62 TAM L . -0.83 14.06 10.07
HN1 TAM L . -1.65 13.90 7.04
HN2 TAM L . -2.64 14.94 7.90
HO4 TAM L . -4.45 17.45 7.31
HO5 TAM L . -1.16 14.69 3.62
HO6 TAM L . 0.81 12.90 8.06
O2 VCA M . 12.55 3.18 -1.60
C1 VCA M . 12.94 3.12 -2.86
O1 VCA M . 13.08 4.11 -3.60
C2 VCA M . 13.23 1.72 -3.33
C3 VCA M . 11.98 0.97 -3.74
C4 VCA M . 12.21 -0.46 -4.20
C5 VCA M . 10.95 -1.11 -4.75
C6 VCA M . 10.72 -2.58 -4.43
C7 VCA M . 11.01 -3.55 -5.59
C8 VCA M . 9.98 -4.64 -5.79
C9 VCA M . 10.56 -5.93 -6.38
C10 VCA M . 11.18 -6.88 -5.35
C11 VCA M . 12.66 -7.04 -5.47
C12 VCA M . 13.62 -6.64 -4.62
C13 VCA M . 13.47 -5.87 -3.35
C14 VCA M . 14.65 -4.95 -3.00
C15 VCA M . 14.34 -3.46 -3.12
C16 VCA M . 15.40 -2.52 -2.54
C17 VCA M . 16.68 -2.37 -3.38
C18 VCA M . 17.50 -1.10 -3.06
H21 VCA M . 13.77 1.19 -2.55
H22 VCA M . 13.93 1.77 -4.16
H31 VCA M . 11.48 1.52 -4.53
H32 VCA M . 11.27 0.98 -2.92
H41 VCA M . 12.64 -1.05 -3.39
H42 VCA M . 12.99 -0.45 -4.98
H51 VCA M . 10.92 -0.93 -5.81
H52 VCA M . 10.09 -0.55 -4.38
H61 VCA M . 9.69 -2.70 -4.12
H62 VCA M . 11.30 -2.88 -3.56
H71 VCA M . 12.00 -4.00 -5.45
H72 VCA M . 11.09 -3.00 -6.52
H81 VCA M . 9.18 -4.28 -6.43
H82 VCA M . 9.47 -4.87 -4.85
H91 VCA M . 11.30 -5.67 -7.14
H92 VCA M . 9.78 -6.45 -6.94
H101 VCA M . 10.69 -7.85 -5.44
H102 VCA M . 10.92 -6.57 -4.33
H11 VCA M . 12.94 -7.52 -6.41
H12 VCA M . 14.64 -6.92 -4.84
H131 VCA M . 13.31 -6.59 -2.53
H132 VCA M . 12.55 -5.29 -3.35
H141 VCA M . 15.50 -5.18 -3.63
H142 VCA M . 14.99 -5.17 -1.99
H151 VCA M . 13.40 -3.25 -2.62
H152 VCA M . 14.16 -3.20 -4.16
H161 VCA M . 15.67 -2.85 -1.55
H162 VCA M . 14.96 -1.53 -2.38
H171 VCA M . 16.44 -2.38 -4.44
H172 VCA M . 17.32 -3.25 -3.24
H181 VCA M . 18.54 -1.19 -3.35
H182 VCA M . 17.50 -0.86 -2.00
H183 VCA M . 17.12 -0.23 -3.57
C1 EDO N . -1.19 5.89 -3.38
O1 EDO N . -1.45 6.77 -4.46
C2 EDO N . -1.72 4.49 -3.69
O2 EDO N . -1.02 3.48 -2.97
H11 EDO N . -0.13 5.86 -3.13
H12 EDO N . -1.69 6.33 -2.52
HO1 EDO N . -1.27 7.69 -4.15
H21 EDO N . -2.76 4.38 -3.35
H22 EDO N . -1.73 4.32 -4.76
HO2 EDO N . -1.53 3.28 -2.15
#